data_5VBL
#
_entry.id   5VBL
#
_cell.length_a   150.580
_cell.length_b   44.300
_cell.length_c   79.450
_cell.angle_alpha   90.00
_cell.angle_beta   114.87
_cell.angle_gamma   90.00
#
_symmetry.space_group_name_H-M   'C 1 2 1'
#
loop_
_entity.id
_entity.type
_entity.pdbx_description
1 polymer 'agonist peptide'
2 polymer 'Apelin receptor,Rubredoxin,Apelin receptor Chimera'
3 non-polymer 'ZINC ION'
4 non-polymer '(2R)-2,3-dihydroxypropyl (9Z)-octadec-9-enoate'
5 water water
#
loop_
_entity_poly.entity_id
_entity_poly.type
_entity_poly.pdbx_seq_one_letter_code
_entity_poly.pdbx_strand_id
1 'polypeptide(L)' KFRRQRP(HRG)(ALC)EHKK(OIC)(NLE)P(200) A
2 'polypeptide(L)'
;MKTIIALSYIFCLVFADYKDDDDKFDNYYGADNQSECEYTDWKSSGALIPAIYMLVFLLGTTGNGLVLWTVFRSSREKRR
SADIFIASLAVADLTFVVTLPLWATYTYRDYDWPFGTFFCKLSSYLIFVNMYASAFCLTGLSFDRYLAIVRPVANARLRL
RVSGAVATAVLWVLAALLAMPVMVLRTTGDLENTNKVQCYMDYSMVATVSSEWAWEVGLGVSSTTVGFVVPFTIMLTCYF
FIAQTIAMKKYTCTVCGYIYNPEDGDPDNGVNPGTDFKDIPDDWVCPLCGVGKDQFEEVEERRRLLSIIVVLVVTFALCK
MPYHLVKTLYMLGSLLHWPCDFDLFLMNIFPYCTCISYVNSCLNPFLYAFFDPRFRQACTSMLLMGQSRLEVLFQGPHHH
HHHHHHH
;
B
#
# COMPACT_ATOMS: atom_id res chain seq x y z
N LYS A 1 6.07 -0.82 38.87
CA LYS A 1 6.87 -1.50 37.86
C LYS A 1 6.06 -2.57 37.08
N PHE A 2 6.73 -3.30 36.17
CA PHE A 2 6.11 -4.36 35.35
C PHE A 2 6.17 -5.72 36.06
N ARG A 3 5.07 -6.49 35.95
CA ARG A 3 4.93 -7.82 36.56
C ARG A 3 4.04 -8.73 35.70
N ARG A 4 4.50 -9.97 35.43
CA ARG A 4 3.77 -10.97 34.64
C ARG A 4 2.58 -11.51 35.45
N GLN A 5 1.39 -11.61 34.82
CA GLN A 5 0.17 -12.08 35.47
C GLN A 5 -0.43 -13.34 34.83
N ARG A 6 -1.11 -14.16 35.65
CA ARG A 6 -1.78 -15.40 35.24
C ARG A 6 -3.03 -15.10 34.39
N PRO A 7 -3.50 -16.02 33.51
CA PRO A 7 -4.70 -15.73 32.69
C PRO A 7 -5.99 -15.59 33.51
N GLU A 10 -12.72 -13.45 30.70
CA GLU A 10 -13.39 -12.19 30.33
C GLU A 10 -14.33 -12.32 29.10
N HIS A 11 -14.91 -11.19 28.63
CA HIS A 11 -15.79 -11.12 27.45
C HIS A 11 -14.97 -11.06 26.15
N LYS A 12 -15.65 -11.15 24.98
CA LYS A 12 -15.00 -11.07 23.66
C LYS A 12 -14.45 -9.67 23.43
N LYS A 13 -13.12 -9.53 23.51
CA LYS A 13 -12.42 -8.25 23.34
C LYS A 13 -12.15 -7.92 21.88
N PRO A 16 -6.38 -6.03 19.63
CA PRO A 16 -5.56 -4.91 20.14
C PRO A 16 -4.80 -4.13 19.07
N CYS B 37 -18.31 -18.14 24.68
CA CYS B 37 -17.63 -19.17 25.48
C CYS B 37 -16.48 -18.59 26.34
N GLU B 38 -15.42 -19.40 26.59
CA GLU B 38 -14.27 -19.00 27.39
C GLU B 38 -13.26 -18.14 26.62
N TYR B 39 -12.87 -17.00 27.23
CA TYR B 39 -11.91 -16.05 26.65
C TYR B 39 -10.98 -15.52 27.73
N THR B 40 -9.67 -15.75 27.58
CA THR B 40 -8.65 -15.29 28.54
C THR B 40 -8.01 -13.99 28.04
N ASP B 41 -7.28 -13.28 28.94
CA ASP B 41 -6.60 -12.03 28.59
C ASP B 41 -5.45 -12.27 27.60
N TRP B 42 -5.27 -11.34 26.64
CA TRP B 42 -4.24 -11.39 25.62
C TRP B 42 -2.84 -11.44 26.23
N LYS B 43 -2.08 -12.49 25.89
CA LYS B 43 -0.72 -12.75 26.38
C LYS B 43 0.34 -12.63 25.27
N SER B 44 1.61 -12.44 25.66
CA SER B 44 2.75 -12.32 24.75
C SER B 44 3.12 -13.68 24.15
N SER B 45 3.31 -13.70 22.81
CA SER B 45 3.66 -14.89 22.04
C SER B 45 5.12 -15.31 22.27
N GLY B 46 5.99 -14.31 22.43
CA GLY B 46 7.42 -14.50 22.66
C GLY B 46 8.23 -13.25 22.36
N ALA B 47 9.54 -13.44 22.15
CA ALA B 47 10.47 -12.35 21.85
C ALA B 47 10.62 -12.10 20.34
N LEU B 48 10.00 -12.94 19.50
CA LEU B 48 10.06 -12.85 18.03
C LEU B 48 9.41 -11.57 17.47
N ILE B 49 8.12 -11.33 17.79
CA ILE B 49 7.36 -10.16 17.32
C ILE B 49 8.00 -8.82 17.81
N PRO B 50 8.32 -8.60 19.12
CA PRO B 50 8.95 -7.32 19.52
C PRO B 50 10.32 -7.05 18.88
N ALA B 51 11.10 -8.11 18.56
CA ALA B 51 12.41 -8.00 17.92
C ALA B 51 12.28 -7.55 16.47
N ILE B 52 11.24 -8.04 15.74
CA ILE B 52 10.96 -7.68 14.35
C ILE B 52 10.56 -6.20 14.30
N TYR B 53 9.70 -5.75 15.25
CA TYR B 53 9.24 -4.36 15.37
C TYR B 53 10.39 -3.38 15.53
N MET B 54 11.45 -3.78 16.25
CA MET B 54 12.66 -2.96 16.45
C MET B 54 13.49 -2.91 15.17
N LEU B 55 13.56 -4.06 14.44
CA LEU B 55 14.27 -4.18 13.17
C LEU B 55 13.59 -3.35 12.08
N VAL B 56 12.24 -3.35 12.06
CA VAL B 56 11.42 -2.57 11.10
C VAL B 56 11.62 -1.07 11.37
N PHE B 57 11.80 -0.68 12.65
CA PHE B 57 12.06 0.71 13.05
C PHE B 57 13.44 1.15 12.53
N LEU B 58 14.47 0.31 12.78
CA LEU B 58 15.87 0.53 12.39
C LEU B 58 16.03 0.59 10.87
N LEU B 59 15.36 -0.30 10.13
CA LEU B 59 15.41 -0.34 8.66
C LEU B 59 14.48 0.69 8.01
N GLY B 60 13.40 1.05 8.72
CA GLY B 60 12.40 2.01 8.27
C GLY B 60 12.79 3.47 8.40
N THR B 61 13.54 3.83 9.47
CA THR B 61 14.01 5.20 9.70
C THR B 61 15.07 5.58 8.65
N THR B 62 16.10 4.75 8.52
CA THR B 62 17.21 4.93 7.58
C THR B 62 16.78 4.68 6.13
N GLY B 63 15.90 3.71 5.93
CA GLY B 63 15.38 3.32 4.61
C GLY B 63 14.51 4.37 3.96
N ASN B 64 13.40 4.76 4.63
CA ASN B 64 12.47 5.77 4.13
C ASN B 64 13.08 7.18 4.12
N GLY B 65 14.07 7.39 4.99
CA GLY B 65 14.84 8.63 5.07
C GLY B 65 15.74 8.79 3.85
N LEU B 66 16.22 7.64 3.32
CA LEU B 66 17.06 7.56 2.13
C LEU B 66 16.20 7.78 0.87
N VAL B 67 14.91 7.40 0.92
CA VAL B 67 13.93 7.57 -0.17
C VAL B 67 13.61 9.07 -0.28
N LEU B 68 13.31 9.72 0.87
CA LEU B 68 13.01 11.16 0.96
C LEU B 68 14.20 12.02 0.57
N TRP B 69 15.44 11.52 0.78
CA TRP B 69 16.68 12.18 0.42
C TRP B 69 16.78 12.28 -1.11
N THR B 70 16.74 11.12 -1.80
CA THR B 70 16.85 10.97 -3.26
C THR B 70 15.81 11.77 -4.07
N VAL B 71 14.56 11.84 -3.57
CA VAL B 71 13.47 12.57 -4.24
C VAL B 71 13.64 14.10 -4.08
N PHE B 72 13.88 14.57 -2.84
CA PHE B 72 14.03 16.00 -2.55
C PHE B 72 15.34 16.62 -3.06
N ARG B 73 16.43 15.83 -3.17
CA ARG B 73 17.72 16.34 -3.68
C ARG B 73 17.63 16.66 -5.18
N SER B 74 16.91 15.81 -5.93
CA SER B 74 16.70 15.97 -7.37
C SER B 74 15.40 16.77 -7.56
N SER B 75 15.53 18.10 -7.58
CA SER B 75 14.41 19.03 -7.74
C SER B 75 14.23 19.41 -9.23
N ARG B 76 13.87 20.68 -9.52
CA ARG B 76 13.65 21.26 -10.85
C ARG B 76 12.58 20.49 -11.66
N GLU B 77 12.77 20.39 -13.01
CA GLU B 77 11.86 19.69 -13.91
C GLU B 77 12.27 18.21 -14.12
N LYS B 78 13.22 17.72 -13.30
CA LYS B 78 13.73 16.34 -13.36
C LYS B 78 12.87 15.34 -12.59
N ARG B 79 11.88 15.82 -11.81
CA ARG B 79 10.98 14.98 -11.02
C ARG B 79 9.94 14.23 -11.85
N ARG B 80 9.80 12.92 -11.58
CA ARG B 80 8.85 12.04 -12.26
C ARG B 80 7.42 12.34 -11.75
N SER B 81 6.40 11.91 -12.52
CA SER B 81 4.98 12.07 -12.16
C SER B 81 4.62 11.22 -10.93
N ALA B 82 5.34 10.10 -10.75
CA ALA B 82 5.16 9.15 -9.65
C ALA B 82 5.86 9.58 -8.36
N ASP B 83 6.92 10.41 -8.46
CA ASP B 83 7.76 10.91 -7.35
C ASP B 83 6.99 11.59 -6.21
N ILE B 84 5.87 12.30 -6.52
CA ILE B 84 5.06 12.99 -5.51
C ILE B 84 4.38 11.97 -4.57
N PHE B 85 3.95 10.81 -5.10
CA PHE B 85 3.30 9.75 -4.32
C PHE B 85 4.32 8.87 -3.58
N ILE B 86 5.55 8.74 -4.14
CA ILE B 86 6.65 7.96 -3.55
C ILE B 86 7.16 8.68 -2.28
N ALA B 87 7.32 10.02 -2.36
CA ALA B 87 7.77 10.87 -1.26
C ALA B 87 6.77 10.87 -0.10
N SER B 88 5.45 10.94 -0.40
CA SER B 88 4.38 10.89 0.60
C SER B 88 4.28 9.51 1.25
N LEU B 89 4.53 8.45 0.46
CA LEU B 89 4.54 7.05 0.91
C LEU B 89 5.70 6.84 1.89
N ALA B 90 6.83 7.54 1.66
CA ALA B 90 8.01 7.51 2.51
C ALA B 90 7.74 8.26 3.82
N VAL B 91 6.95 9.37 3.76
CA VAL B 91 6.54 10.18 4.91
C VAL B 91 5.61 9.35 5.81
N ALA B 92 4.60 8.71 5.21
CA ALA B 92 3.62 7.86 5.89
C ALA B 92 4.28 6.70 6.64
N ASP B 93 5.26 6.03 5.99
CA ASP B 93 6.01 4.91 6.55
C ASP B 93 6.98 5.34 7.66
N LEU B 94 7.69 6.47 7.48
CA LEU B 94 8.66 7.03 8.43
C LEU B 94 8.01 7.44 9.77
N THR B 95 6.88 8.16 9.71
CA THR B 95 6.13 8.64 10.88
C THR B 95 5.56 7.50 11.74
N PHE B 96 5.15 6.40 11.08
CA PHE B 96 4.62 5.21 11.75
C PHE B 96 5.74 4.36 12.36
N VAL B 97 6.86 4.22 11.63
CA VAL B 97 8.04 3.43 12.02
C VAL B 97 8.62 3.90 13.39
N VAL B 98 8.57 5.22 13.67
CA VAL B 98 9.05 5.84 14.92
C VAL B 98 8.19 5.40 16.14
N THR B 99 6.90 5.05 15.91
CA THR B 99 5.99 4.60 16.97
C THR B 99 6.09 3.10 17.27
N LEU B 100 6.78 2.32 16.40
CA LEU B 100 6.96 0.87 16.56
C LEU B 100 7.70 0.46 17.86
N PRO B 101 8.81 1.12 18.33
CA PRO B 101 9.43 0.70 19.60
C PRO B 101 8.48 0.79 20.80
N LEU B 102 7.48 1.69 20.74
CA LEU B 102 6.46 1.86 21.78
C LEU B 102 5.51 0.65 21.73
N TRP B 103 5.17 0.18 20.50
CA TRP B 103 4.31 -0.98 20.30
C TRP B 103 5.03 -2.30 20.61
N ALA B 104 6.38 -2.34 20.44
CA ALA B 104 7.21 -3.50 20.74
C ALA B 104 7.23 -3.76 22.25
N THR B 105 7.23 -2.68 23.06
CA THR B 105 7.19 -2.69 24.51
C THR B 105 5.81 -3.22 24.96
N TYR B 106 4.73 -2.71 24.33
CA TYR B 106 3.33 -3.06 24.57
C TYR B 106 3.08 -4.57 24.38
N THR B 107 3.65 -5.17 23.31
CA THR B 107 3.51 -6.59 22.99
C THR B 107 4.19 -7.50 24.04
N TYR B 108 5.46 -7.20 24.39
CA TYR B 108 6.24 -7.97 25.36
C TYR B 108 5.72 -7.86 26.80
N ARG B 109 5.06 -6.74 27.14
CA ARG B 109 4.47 -6.50 28.47
C ARG B 109 3.07 -7.13 28.57
N ASP B 110 2.78 -8.15 27.71
CA ASP B 110 1.52 -8.88 27.56
C ASP B 110 0.31 -7.91 27.48
N TYR B 111 0.45 -6.91 26.58
CA TYR B 111 -0.52 -5.86 26.24
C TYR B 111 -0.84 -4.94 27.45
N ASP B 112 0.19 -4.16 27.85
CA ASP B 112 0.16 -3.17 28.95
C ASP B 112 0.94 -1.93 28.49
N TRP B 113 0.25 -0.78 28.38
CA TRP B 113 0.76 0.50 27.90
C TRP B 113 1.28 1.45 29.02
N PRO B 114 2.61 1.63 29.15
CA PRO B 114 3.13 2.52 30.20
C PRO B 114 3.54 3.93 29.72
N PHE B 115 3.09 4.36 28.52
CA PHE B 115 3.46 5.65 27.94
C PHE B 115 2.39 6.75 28.08
N GLY B 116 1.33 6.49 28.84
CA GLY B 116 0.25 7.45 29.08
C GLY B 116 -0.81 7.48 27.99
N THR B 117 -1.88 8.27 28.24
CA THR B 117 -3.03 8.41 27.33
C THR B 117 -2.70 9.21 26.06
N PHE B 118 -1.86 10.28 26.18
CA PHE B 118 -1.48 11.13 25.05
C PHE B 118 -0.71 10.36 23.97
N PHE B 119 0.29 9.55 24.39
CA PHE B 119 1.09 8.75 23.47
C PHE B 119 0.29 7.57 22.90
N CYS B 120 -0.70 7.05 23.64
CA CYS B 120 -1.61 5.98 23.21
C CYS B 120 -2.49 6.52 22.08
N LYS B 121 -2.98 7.78 22.24
CA LYS B 121 -3.82 8.50 21.28
C LYS B 121 -3.04 8.79 19.99
N LEU B 122 -1.80 9.32 20.11
CA LEU B 122 -0.93 9.67 19.00
C LEU B 122 -0.38 8.46 18.25
N SER B 123 0.05 7.40 18.98
CA SER B 123 0.61 6.17 18.43
C SER B 123 -0.40 5.38 17.60
N SER B 124 -1.64 5.24 18.10
CA SER B 124 -2.74 4.53 17.44
C SER B 124 -3.25 5.29 16.22
N TYR B 125 -3.26 6.63 16.28
CA TYR B 125 -3.68 7.53 15.21
C TYR B 125 -2.75 7.40 13.99
N LEU B 126 -1.42 7.35 14.25
CA LEU B 126 -0.40 7.22 13.21
C LEU B 126 -0.36 5.84 12.53
N ILE B 127 -1.03 4.82 13.11
CA ILE B 127 -1.15 3.47 12.52
C ILE B 127 -2.14 3.58 11.35
N PHE B 128 -3.32 4.14 11.64
CA PHE B 128 -4.41 4.31 10.67
C PHE B 128 -4.11 5.40 9.66
N VAL B 129 -3.37 6.47 10.06
CA VAL B 129 -2.94 7.54 9.14
C VAL B 129 -2.07 6.87 8.06
N ASN B 130 -1.09 6.04 8.50
CA ASN B 130 -0.20 5.26 7.63
C ASN B 130 -1.01 4.28 6.79
N MET B 131 -1.99 3.57 7.39
CA MET B 131 -2.84 2.59 6.73
C MET B 131 -3.60 3.20 5.55
N TYR B 132 -4.19 4.40 5.75
CA TYR B 132 -4.93 5.10 4.73
C TYR B 132 -4.02 5.78 3.70
N ALA B 133 -3.06 6.61 4.17
CA ALA B 133 -2.11 7.33 3.30
C ALA B 133 -1.30 6.42 2.37
N SER B 134 -0.82 5.27 2.86
CA SER B 134 -0.04 4.31 2.06
C SER B 134 -0.90 3.63 0.98
N ALA B 135 -2.17 3.32 1.32
CA ALA B 135 -3.13 2.71 0.39
C ALA B 135 -3.57 3.73 -0.65
N PHE B 136 -3.66 5.03 -0.26
CA PHE B 136 -4.06 6.11 -1.15
C PHE B 136 -2.90 6.56 -2.05
N CYS B 137 -1.64 6.37 -1.60
CA CYS B 137 -0.44 6.69 -2.37
C CYS B 137 -0.29 5.67 -3.49
N LEU B 138 -0.63 4.40 -3.20
CA LEU B 138 -0.59 3.27 -4.13
C LEU B 138 -1.65 3.41 -5.22
N THR B 139 -2.87 3.90 -4.85
CA THR B 139 -3.94 4.16 -5.82
C THR B 139 -3.55 5.34 -6.70
N GLY B 140 -2.88 6.33 -6.10
CA GLY B 140 -2.36 7.51 -6.78
C GLY B 140 -1.33 7.15 -7.82
N LEU B 141 -0.41 6.22 -7.48
CA LEU B 141 0.64 5.70 -8.36
C LEU B 141 0.02 4.90 -9.51
N SER B 142 -0.99 4.07 -9.19
CA SER B 142 -1.73 3.22 -10.14
C SER B 142 -2.55 4.05 -11.11
N PHE B 143 -3.22 5.12 -10.62
CA PHE B 143 -4.04 6.02 -11.44
C PHE B 143 -3.17 6.92 -12.32
N ASP B 144 -1.92 7.20 -11.87
CA ASP B 144 -0.95 7.99 -12.62
C ASP B 144 -0.49 7.19 -13.84
N ARG B 145 -0.37 5.85 -13.70
CA ARG B 145 -0.01 4.93 -14.79
C ARG B 145 -1.19 4.81 -15.75
N TYR B 146 -2.43 4.82 -15.22
CA TYR B 146 -3.66 4.74 -16.00
C TYR B 146 -3.80 5.94 -16.94
N LEU B 147 -3.65 7.17 -16.40
CA LEU B 147 -3.73 8.42 -17.17
C LEU B 147 -2.62 8.52 -18.23
N ALA B 148 -1.46 7.91 -17.98
CA ALA B 148 -0.30 7.93 -18.87
C ALA B 148 -0.32 6.85 -19.97
N ILE B 149 -0.58 5.58 -19.60
CA ILE B 149 -0.59 4.46 -20.54
C ILE B 149 -1.89 4.43 -21.37
N VAL B 150 -3.06 4.40 -20.72
CA VAL B 150 -4.37 4.32 -21.39
C VAL B 150 -4.74 5.62 -22.14
N ARG B 151 -4.61 6.78 -21.46
CA ARG B 151 -4.94 8.12 -21.99
C ARG B 151 -6.42 8.19 -22.45
N PRO B 152 -7.40 8.26 -21.53
CA PRO B 152 -8.81 8.30 -21.96
C PRO B 152 -9.26 9.64 -22.53
N VAL B 153 -8.75 10.74 -21.96
CA VAL B 153 -9.04 12.13 -22.38
C VAL B 153 -7.75 12.70 -23.00
N ALA B 154 -7.88 13.73 -23.87
CA ALA B 154 -6.75 14.40 -24.53
C ALA B 154 -5.78 15.03 -23.52
N ASN B 155 -4.52 15.27 -23.93
CA ASN B 155 -3.44 15.84 -23.12
C ASN B 155 -3.75 17.24 -22.52
N ALA B 156 -4.76 17.95 -23.07
CA ALA B 156 -5.18 19.28 -22.61
C ALA B 156 -5.85 19.22 -21.23
N ARG B 157 -6.83 18.30 -21.04
CA ARG B 157 -7.56 18.12 -19.77
C ARG B 157 -6.79 17.22 -18.81
N LEU B 158 -6.02 16.24 -19.35
CA LEU B 158 -5.21 15.24 -18.62
C LEU B 158 -4.45 15.83 -17.43
N ARG B 159 -3.53 16.79 -17.67
CA ARG B 159 -2.70 17.50 -16.68
C ARG B 159 -2.21 16.56 -15.55
N LEU B 160 -1.31 15.63 -15.91
CA LEU B 160 -0.74 14.61 -15.03
C LEU B 160 -0.10 15.17 -13.76
N ARG B 161 0.71 16.24 -13.87
CA ARG B 161 1.37 16.90 -12.74
C ARG B 161 0.37 17.59 -11.81
N VAL B 162 -0.67 18.24 -12.38
CA VAL B 162 -1.72 18.95 -11.65
C VAL B 162 -2.61 17.93 -10.91
N SER B 163 -3.07 16.88 -11.61
CA SER B 163 -3.91 15.79 -11.06
C SER B 163 -3.21 15.08 -9.91
N GLY B 164 -1.90 14.91 -10.03
CA GLY B 164 -1.05 14.31 -9.01
C GLY B 164 -0.90 15.20 -7.80
N ALA B 165 -0.79 16.53 -8.03
CA ALA B 165 -0.67 17.55 -6.97
C ALA B 165 -1.96 17.75 -6.20
N VAL B 166 -3.12 17.57 -6.87
CA VAL B 166 -4.45 17.71 -6.26
C VAL B 166 -4.75 16.47 -5.40
N ALA B 167 -4.56 15.25 -5.97
CA ALA B 167 -4.80 13.97 -5.30
C ALA B 167 -3.91 13.74 -4.07
N THR B 168 -2.66 14.26 -4.09
CA THR B 168 -1.74 14.13 -2.96
C THR B 168 -2.19 14.98 -1.76
N ALA B 169 -2.85 16.12 -2.04
CA ALA B 169 -3.39 17.03 -1.02
C ALA B 169 -4.66 16.43 -0.43
N VAL B 170 -5.52 15.83 -1.28
CA VAL B 170 -6.80 15.19 -0.90
C VAL B 170 -6.55 13.93 -0.04
N LEU B 171 -5.56 13.09 -0.41
CA LEU B 171 -5.25 11.85 0.33
C LEU B 171 -4.75 12.13 1.75
N TRP B 172 -4.00 13.23 1.96
CA TRP B 172 -3.51 13.61 3.29
C TRP B 172 -4.63 14.19 4.15
N VAL B 173 -5.64 14.81 3.52
CA VAL B 173 -6.82 15.37 4.20
C VAL B 173 -7.76 14.20 4.56
N LEU B 174 -7.93 13.24 3.62
CA LEU B 174 -8.76 12.03 3.81
C LEU B 174 -8.22 11.12 4.91
N ALA B 175 -6.91 10.79 4.86
CA ALA B 175 -6.24 9.93 5.86
C ALA B 175 -6.30 10.52 7.27
N ALA B 176 -6.13 11.85 7.41
CA ALA B 176 -6.19 12.55 8.69
C ALA B 176 -7.61 12.56 9.27
N LEU B 177 -8.63 12.72 8.41
CA LEU B 177 -10.04 12.73 8.80
C LEU B 177 -10.60 11.34 9.11
N LEU B 178 -10.23 10.33 8.30
CA LEU B 178 -10.68 8.94 8.48
C LEU B 178 -10.05 8.28 9.71
N ALA B 179 -8.87 8.78 10.15
CA ALA B 179 -8.16 8.27 11.32
C ALA B 179 -8.51 9.06 12.60
N MET B 180 -9.30 10.15 12.47
CA MET B 180 -9.75 10.97 13.61
C MET B 180 -10.57 10.19 14.66
N PRO B 181 -11.51 9.25 14.30
CA PRO B 181 -12.22 8.51 15.37
C PRO B 181 -11.29 7.68 16.26
N VAL B 182 -10.08 7.34 15.77
CA VAL B 182 -9.06 6.59 16.52
C VAL B 182 -8.41 7.55 17.55
N MET B 183 -8.17 8.81 17.13
CA MET B 183 -7.59 9.85 18.00
C MET B 183 -8.50 10.17 19.20
N VAL B 184 -9.82 10.20 18.98
CA VAL B 184 -10.82 10.52 20.01
C VAL B 184 -11.15 9.33 20.93
N LEU B 185 -11.54 8.18 20.35
CA LEU B 185 -11.96 6.98 21.08
C LEU B 185 -10.86 6.25 21.87
N ARG B 186 -9.57 6.35 21.46
CA ARG B 186 -8.49 5.68 22.17
C ARG B 186 -8.13 6.35 23.49
N THR B 187 -8.01 5.55 24.57
CA THR B 187 -7.67 5.95 25.93
C THR B 187 -6.97 4.82 26.67
N THR B 188 -6.23 5.15 27.75
CA THR B 188 -5.56 4.17 28.59
C THR B 188 -6.49 3.83 29.74
N GLY B 189 -6.99 2.60 29.75
CA GLY B 189 -7.91 2.13 30.77
C GLY B 189 -7.74 0.67 31.12
N ASP B 190 -8.49 0.23 32.15
CA ASP B 190 -8.49 -1.14 32.64
C ASP B 190 -9.65 -1.91 32.01
N LEU B 191 -9.42 -2.44 30.79
CA LEU B 191 -10.40 -3.22 30.02
C LEU B 191 -10.71 -4.52 30.77
N GLU B 192 -11.99 -4.68 31.16
CA GLU B 192 -12.52 -5.79 31.98
C GLU B 192 -11.95 -5.75 33.42
N ASN B 193 -11.93 -6.89 34.13
CA ASN B 193 -11.40 -6.96 35.50
C ASN B 193 -9.93 -7.41 35.56
N THR B 194 -9.19 -7.24 34.44
CA THR B 194 -7.78 -7.60 34.31
C THR B 194 -6.92 -6.39 34.72
N ASN B 195 -6.04 -6.58 35.72
CA ASN B 195 -5.17 -5.54 36.28
C ASN B 195 -4.02 -5.14 35.32
N LYS B 196 -4.38 -4.47 34.22
CA LYS B 196 -3.45 -3.97 33.20
C LYS B 196 -3.99 -2.73 32.48
N VAL B 197 -3.17 -1.66 32.43
CA VAL B 197 -3.52 -0.40 31.77
C VAL B 197 -3.18 -0.58 30.28
N GLN B 198 -4.19 -0.85 29.45
CA GLN B 198 -3.99 -1.09 28.02
C GLN B 198 -4.58 0.01 27.12
N CYS B 199 -3.93 0.23 25.96
CA CYS B 199 -4.31 1.21 24.95
C CYS B 199 -5.36 0.59 24.02
N TYR B 200 -6.65 0.94 24.25
CA TYR B 200 -7.77 0.38 23.49
C TYR B 200 -8.78 1.43 23.01
N MET B 201 -9.70 1.01 22.12
CA MET B 201 -10.78 1.84 21.58
C MET B 201 -11.94 1.84 22.58
N ASP B 202 -12.20 2.99 23.21
CA ASP B 202 -13.26 3.14 24.20
C ASP B 202 -14.54 3.68 23.55
N TYR B 203 -15.55 2.82 23.41
CA TYR B 203 -16.83 3.17 22.80
C TYR B 203 -17.86 3.72 23.80
N SER B 204 -17.53 3.73 25.11
CA SER B 204 -18.39 4.24 26.18
C SER B 204 -18.83 5.70 25.99
N MET B 205 -18.10 6.46 25.16
CA MET B 205 -18.36 7.86 24.85
C MET B 205 -19.40 8.03 23.72
N VAL B 206 -19.26 7.25 22.62
CA VAL B 206 -20.15 7.33 21.44
C VAL B 206 -21.32 6.33 21.51
N ALA B 207 -21.03 5.04 21.77
CA ALA B 207 -22.01 3.96 21.86
C ALA B 207 -22.90 4.08 23.09
N THR B 208 -24.08 3.42 23.05
CA THR B 208 -25.04 3.40 24.15
C THR B 208 -24.64 2.29 25.16
N VAL B 209 -25.61 1.55 25.71
CA VAL B 209 -25.34 0.47 26.67
C VAL B 209 -25.13 -0.87 25.94
N SER B 210 -25.99 -1.15 24.93
CA SER B 210 -25.93 -2.39 24.15
C SER B 210 -25.18 -2.26 22.82
N SER B 211 -25.29 -1.09 22.14
CA SER B 211 -24.67 -0.84 20.84
C SER B 211 -23.12 -0.67 20.88
N GLU B 212 -22.44 -1.38 21.81
CA GLU B 212 -20.99 -1.38 21.97
C GLU B 212 -20.32 -2.10 20.79
N TRP B 213 -20.88 -3.26 20.40
CA TRP B 213 -20.42 -4.08 19.27
C TRP B 213 -20.70 -3.40 17.93
N ALA B 214 -21.82 -2.65 17.85
CA ALA B 214 -22.29 -1.93 16.67
C ALA B 214 -21.28 -0.88 16.18
N TRP B 215 -20.61 -0.19 17.11
CA TRP B 215 -19.61 0.83 16.80
C TRP B 215 -18.26 0.21 16.43
N GLU B 216 -17.96 -1.00 16.96
CA GLU B 216 -16.73 -1.72 16.65
C GLU B 216 -16.87 -2.35 15.25
N VAL B 217 -18.06 -2.92 14.95
CA VAL B 217 -18.35 -3.52 13.65
C VAL B 217 -18.57 -2.42 12.58
N GLY B 218 -19.07 -1.26 13.01
CA GLY B 218 -19.31 -0.11 12.14
C GLY B 218 -18.03 0.56 11.67
N LEU B 219 -17.18 0.96 12.62
CA LEU B 219 -15.90 1.62 12.33
C LEU B 219 -14.84 0.63 11.83
N GLY B 220 -14.99 -0.65 12.20
CA GLY B 220 -14.09 -1.73 11.81
C GLY B 220 -14.23 -2.13 10.36
N VAL B 221 -15.48 -2.31 9.88
CA VAL B 221 -15.79 -2.69 8.50
C VAL B 221 -15.42 -1.55 7.54
N SER B 222 -15.80 -0.30 7.89
CA SER B 222 -15.49 0.91 7.10
C SER B 222 -13.99 1.16 6.99
N SER B 223 -13.21 0.79 8.04
CA SER B 223 -11.75 0.91 8.08
C SER B 223 -11.11 -0.02 7.05
N THR B 224 -11.61 -1.26 6.93
CA THR B 224 -11.16 -2.27 5.99
C THR B 224 -11.62 -1.90 4.57
N THR B 225 -12.84 -1.33 4.44
CA THR B 225 -13.43 -0.92 3.17
C THR B 225 -12.67 0.27 2.54
N VAL B 226 -12.56 1.40 3.26
CA VAL B 226 -11.88 2.61 2.78
C VAL B 226 -10.33 2.51 2.84
N GLY B 227 -9.81 1.54 3.59
CA GLY B 227 -8.38 1.34 3.76
C GLY B 227 -7.74 0.17 3.03
N PHE B 228 -8.55 -0.76 2.50
CA PHE B 228 -8.03 -1.93 1.77
C PHE B 228 -8.91 -2.40 0.62
N VAL B 229 -10.23 -2.63 0.85
CA VAL B 229 -11.16 -3.14 -0.17
C VAL B 229 -11.29 -2.16 -1.36
N VAL B 230 -11.79 -0.93 -1.13
CA VAL B 230 -11.95 0.12 -2.15
C VAL B 230 -10.58 0.48 -2.78
N PRO B 231 -9.47 0.75 -2.02
CA PRO B 231 -8.19 1.04 -2.69
C PRO B 231 -7.65 -0.07 -3.60
N PHE B 232 -7.65 -1.34 -3.12
CA PHE B 232 -7.16 -2.49 -3.90
C PHE B 232 -7.99 -2.77 -5.16
N THR B 233 -9.31 -2.47 -5.13
CA THR B 233 -10.19 -2.64 -6.30
C THR B 233 -9.90 -1.58 -7.36
N ILE B 234 -9.50 -0.35 -6.94
CA ILE B 234 -9.14 0.74 -7.85
C ILE B 234 -7.81 0.38 -8.54
N MET B 235 -6.83 -0.15 -7.77
CA MET B 235 -5.51 -0.58 -8.24
C MET B 235 -5.64 -1.69 -9.31
N LEU B 236 -6.55 -2.67 -9.07
CA LEU B 236 -6.82 -3.79 -9.97
C LEU B 236 -7.52 -3.35 -11.26
N THR B 237 -8.53 -2.45 -11.16
CA THR B 237 -9.25 -1.94 -12.32
C THR B 237 -8.33 -1.10 -13.20
N CYS B 238 -7.44 -0.28 -12.57
CA CYS B 238 -6.44 0.54 -13.25
C CYS B 238 -5.50 -0.38 -14.04
N TYR B 239 -5.06 -1.49 -13.42
CA TYR B 239 -4.18 -2.48 -14.05
C TYR B 239 -4.86 -3.21 -15.22
N PHE B 240 -6.18 -3.49 -15.11
CA PHE B 240 -6.95 -4.15 -16.17
C PHE B 240 -7.01 -3.29 -17.43
N PHE B 241 -7.22 -1.97 -17.29
CA PHE B 241 -7.27 -1.03 -18.40
C PHE B 241 -5.89 -0.80 -19.02
N ILE B 242 -4.83 -0.79 -18.17
CA ILE B 242 -3.43 -0.64 -18.58
C ILE B 242 -3.02 -1.85 -19.42
N ALA B 243 -3.39 -3.08 -18.97
CA ALA B 243 -3.12 -4.33 -19.66
C ALA B 243 -3.87 -4.41 -20.99
N GLN B 244 -5.09 -3.83 -21.05
CA GLN B 244 -5.95 -3.78 -22.24
C GLN B 244 -5.31 -3.01 -23.40
N THR B 245 -4.58 -1.91 -23.09
CA THR B 245 -3.89 -1.08 -24.09
C THR B 245 -2.54 -1.66 -24.49
N ILE B 246 -1.81 -2.24 -23.52
CA ILE B 246 -0.49 -2.89 -23.72
C ILE B 246 -0.61 -4.15 -24.58
N ALA B 247 -1.75 -4.86 -24.50
CA ALA B 247 -2.06 -6.09 -25.26
C ALA B 247 -1.90 -5.89 -26.77
N MET B 248 -2.25 -4.69 -27.28
CA MET B 248 -2.13 -4.32 -28.70
C MET B 248 -0.66 -3.93 -28.95
N LYS B 249 0.21 -4.95 -29.12
CA LYS B 249 1.65 -4.74 -29.31
C LYS B 249 1.97 -4.18 -30.70
N LYS B 250 2.81 -3.13 -30.74
CA LYS B 250 3.26 -2.49 -31.98
C LYS B 250 4.38 -3.33 -32.60
N TYR B 251 4.48 -3.31 -33.93
CA TYR B 251 5.51 -4.05 -34.67
C TYR B 251 6.30 -3.12 -35.58
N THR B 252 7.63 -3.10 -35.42
CA THR B 252 8.52 -2.25 -36.22
C THR B 252 9.20 -3.04 -37.34
N CYS B 253 9.31 -2.42 -38.53
CA CYS B 253 9.95 -3.01 -39.70
C CYS B 253 11.47 -2.88 -39.55
N THR B 254 12.19 -4.01 -39.63
CA THR B 254 13.64 -4.05 -39.48
C THR B 254 14.39 -3.57 -40.74
N VAL B 255 13.67 -3.47 -41.88
CA VAL B 255 14.24 -3.07 -43.16
C VAL B 255 14.25 -1.53 -43.33
N CYS B 256 13.08 -0.87 -43.21
CA CYS B 256 12.95 0.58 -43.39
C CYS B 256 12.79 1.35 -42.07
N GLY B 257 11.96 0.83 -41.16
CA GLY B 257 11.72 1.45 -39.87
C GLY B 257 10.28 1.81 -39.59
N TYR B 258 9.34 1.38 -40.48
CA TYR B 258 7.91 1.63 -40.35
C TYR B 258 7.34 0.94 -39.11
N ILE B 259 6.64 1.69 -38.26
CA ILE B 259 6.03 1.15 -37.05
C ILE B 259 4.53 0.97 -37.27
N TYR B 260 4.08 -0.30 -37.23
CA TYR B 260 2.67 -0.62 -37.37
C TYR B 260 2.01 -0.41 -36.00
N ASN B 261 1.05 0.51 -35.91
CA ASN B 261 0.32 0.79 -34.68
C ASN B 261 -1.07 0.15 -34.79
N PRO B 262 -1.45 -0.78 -33.88
CA PRO B 262 -2.79 -1.40 -33.97
C PRO B 262 -3.95 -0.41 -33.88
N GLU B 263 -3.75 0.74 -33.20
CA GLU B 263 -4.74 1.82 -33.05
C GLU B 263 -5.07 2.47 -34.41
N ASP B 264 -4.03 2.69 -35.25
CA ASP B 264 -4.16 3.31 -36.57
C ASP B 264 -4.42 2.30 -37.69
N GLY B 265 -3.68 1.19 -37.67
CA GLY B 265 -3.78 0.13 -38.67
C GLY B 265 -3.16 0.52 -40.00
N ASP B 266 -3.78 0.05 -41.10
CA ASP B 266 -3.35 0.34 -42.48
C ASP B 266 -4.62 0.31 -43.37
N PRO B 267 -5.51 1.34 -43.29
CA PRO B 267 -6.76 1.29 -44.09
C PRO B 267 -6.59 1.31 -45.60
N ASP B 268 -5.47 1.84 -46.11
CA ASP B 268 -5.16 1.90 -47.54
C ASP B 268 -4.86 0.51 -48.12
N ASN B 269 -4.27 -0.38 -47.31
CA ASN B 269 -3.92 -1.76 -47.68
C ASN B 269 -5.01 -2.78 -47.33
N GLY B 270 -6.17 -2.29 -46.88
CA GLY B 270 -7.32 -3.10 -46.50
C GLY B 270 -7.26 -3.68 -45.11
N VAL B 271 -6.61 -2.96 -44.18
CA VAL B 271 -6.45 -3.36 -42.77
C VAL B 271 -7.18 -2.33 -41.88
N ASN B 272 -8.34 -2.72 -41.33
CA ASN B 272 -9.18 -1.86 -40.48
C ASN B 272 -8.48 -1.47 -39.16
N PRO B 273 -8.66 -0.21 -38.66
CA PRO B 273 -8.01 0.17 -37.40
C PRO B 273 -8.57 -0.60 -36.21
N GLY B 274 -7.66 -1.08 -35.36
CA GLY B 274 -7.98 -1.88 -34.18
C GLY B 274 -7.48 -3.30 -34.26
N THR B 275 -7.31 -3.83 -35.49
CA THR B 275 -6.85 -5.18 -35.76
C THR B 275 -5.42 -5.42 -35.31
N ASP B 276 -5.20 -6.51 -34.55
CA ASP B 276 -3.90 -6.94 -34.03
C ASP B 276 -2.99 -7.38 -35.19
N PHE B 277 -1.66 -7.31 -34.99
CA PHE B 277 -0.66 -7.69 -35.99
C PHE B 277 -0.77 -9.16 -36.44
N LYS B 278 -1.12 -10.07 -35.51
CA LYS B 278 -1.29 -11.49 -35.79
C LYS B 278 -2.54 -11.79 -36.63
N ASP B 279 -3.55 -10.90 -36.54
CA ASP B 279 -4.82 -11.02 -37.28
C ASP B 279 -4.72 -10.58 -38.74
N ILE B 280 -3.67 -9.79 -39.08
CA ILE B 280 -3.38 -9.27 -40.43
C ILE B 280 -3.21 -10.43 -41.43
N PRO B 281 -3.87 -10.40 -42.62
CA PRO B 281 -3.68 -11.49 -43.60
C PRO B 281 -2.22 -11.56 -44.08
N ASP B 282 -1.76 -12.77 -44.39
CA ASP B 282 -0.37 -13.07 -44.80
C ASP B 282 0.08 -12.40 -46.10
N ASP B 283 -0.85 -11.97 -46.97
CA ASP B 283 -0.53 -11.31 -48.24
C ASP B 283 -0.04 -9.87 -48.06
N TRP B 284 -0.38 -9.24 -46.91
CA TRP B 284 0.00 -7.87 -46.55
C TRP B 284 1.52 -7.73 -46.40
N VAL B 285 2.05 -6.61 -46.90
CA VAL B 285 3.47 -6.26 -46.83
C VAL B 285 3.64 -4.86 -46.23
N CYS B 286 4.88 -4.46 -45.93
CA CYS B 286 5.21 -3.14 -45.39
C CYS B 286 4.80 -2.05 -46.39
N PRO B 287 3.98 -1.05 -45.98
CA PRO B 287 3.53 -0.03 -46.94
C PRO B 287 4.62 0.94 -47.43
N LEU B 288 5.83 0.86 -46.87
CA LEU B 288 6.93 1.75 -47.24
C LEU B 288 8.09 1.06 -48.00
N CYS B 289 8.35 -0.24 -47.76
CA CYS B 289 9.43 -0.97 -48.43
C CYS B 289 9.00 -2.29 -49.08
N GLY B 290 7.82 -2.79 -48.74
CA GLY B 290 7.26 -4.01 -49.32
C GLY B 290 7.83 -5.33 -48.84
N VAL B 291 8.07 -5.46 -47.52
CA VAL B 291 8.59 -6.70 -46.92
C VAL B 291 7.47 -7.46 -46.19
N GLY B 292 7.58 -8.78 -46.16
CA GLY B 292 6.62 -9.68 -45.51
C GLY B 292 6.54 -9.52 -44.00
N LYS B 293 5.52 -10.17 -43.40
CA LYS B 293 5.25 -10.14 -41.95
C LYS B 293 6.38 -10.72 -41.10
N ASP B 294 7.17 -11.66 -41.67
CA ASP B 294 8.31 -12.33 -41.00
C ASP B 294 9.47 -11.38 -40.67
N GLN B 295 9.58 -10.24 -41.40
CA GLN B 295 10.64 -9.25 -41.20
C GLN B 295 10.24 -8.14 -40.21
N PHE B 296 9.12 -8.33 -39.48
CA PHE B 296 8.63 -7.39 -38.48
C PHE B 296 8.97 -7.85 -37.06
N GLU B 297 9.46 -6.91 -36.25
CA GLU B 297 9.90 -7.14 -34.87
C GLU B 297 8.90 -6.57 -33.86
N GLU B 298 8.50 -7.39 -32.86
CA GLU B 298 7.58 -7.00 -31.79
C GLU B 298 8.34 -6.06 -30.84
N VAL B 299 7.74 -4.91 -30.54
CA VAL B 299 8.38 -3.95 -29.65
C VAL B 299 7.88 -4.12 -28.20
N GLU B 300 8.84 -4.27 -27.27
CA GLU B 300 8.60 -4.44 -25.84
C GLU B 300 9.03 -3.16 -25.14
N GLU B 301 8.06 -2.25 -24.91
CA GLU B 301 8.26 -0.94 -24.28
C GLU B 301 8.93 -1.04 -22.90
N ARG B 302 9.97 -0.22 -22.68
CA ARG B 302 10.76 -0.16 -21.44
C ARG B 302 9.98 0.51 -20.29
N ARG B 303 8.83 -0.06 -19.92
CA ARG B 303 7.95 0.46 -18.87
C ARG B 303 8.51 0.14 -17.48
N ARG B 304 9.43 1.00 -17.02
CA ARG B 304 10.09 0.88 -15.72
C ARG B 304 9.16 1.22 -14.57
N LEU B 305 8.43 2.35 -14.67
CA LEU B 305 7.47 2.85 -13.68
C LEU B 305 6.38 1.84 -13.34
N LEU B 306 5.82 1.15 -14.35
CA LEU B 306 4.78 0.13 -14.18
C LEU B 306 5.30 -1.06 -13.36
N SER B 307 6.54 -1.51 -13.63
CA SER B 307 7.21 -2.61 -12.93
C SER B 307 7.42 -2.30 -11.44
N ILE B 308 7.80 -1.04 -11.13
CA ILE B 308 8.03 -0.55 -9.75
C ILE B 308 6.71 -0.53 -8.97
N ILE B 309 5.63 0.01 -9.58
CA ILE B 309 4.31 0.12 -8.97
C ILE B 309 3.64 -1.26 -8.79
N VAL B 310 3.76 -2.17 -9.80
CA VAL B 310 3.19 -3.53 -9.73
C VAL B 310 3.74 -4.30 -8.52
N VAL B 311 5.08 -4.30 -8.33
CA VAL B 311 5.74 -4.98 -7.21
C VAL B 311 5.35 -4.33 -5.85
N LEU B 312 5.10 -3.00 -5.84
CA LEU B 312 4.68 -2.28 -4.63
C LEU B 312 3.27 -2.72 -4.20
N VAL B 313 2.37 -2.94 -5.19
CA VAL B 313 0.98 -3.38 -4.97
C VAL B 313 0.95 -4.85 -4.52
N VAL B 314 1.69 -5.74 -5.24
CA VAL B 314 1.80 -7.19 -4.96
C VAL B 314 2.26 -7.43 -3.51
N THR B 315 3.34 -6.75 -3.07
CA THR B 315 3.87 -6.84 -1.71
C THR B 315 2.88 -6.32 -0.68
N PHE B 316 2.22 -5.17 -0.98
CA PHE B 316 1.20 -4.55 -0.12
C PHE B 316 0.03 -5.51 0.08
N ALA B 317 -0.43 -6.16 -1.00
CA ALA B 317 -1.53 -7.13 -0.98
C ALA B 317 -1.19 -8.36 -0.14
N LEU B 318 0.07 -8.86 -0.24
CA LEU B 318 0.53 -10.02 0.53
C LEU B 318 0.75 -9.70 2.02
N CYS B 319 1.11 -8.44 2.32
CA CYS B 319 1.36 -7.97 3.70
C CYS B 319 0.07 -7.57 4.44
N LYS B 320 -0.87 -6.91 3.75
CA LYS B 320 -2.11 -6.41 4.36
C LYS B 320 -3.29 -7.40 4.35
N MET B 321 -3.40 -8.29 3.33
CA MET B 321 -4.49 -9.28 3.21
C MET B 321 -4.73 -10.12 4.49
N PRO B 322 -3.72 -10.79 5.12
CA PRO B 322 -4.03 -11.58 6.32
C PRO B 322 -4.60 -10.78 7.49
N TYR B 323 -4.07 -9.56 7.74
CA TYR B 323 -4.53 -8.66 8.81
C TYR B 323 -6.01 -8.29 8.65
N HIS B 324 -6.42 -7.90 7.44
CA HIS B 324 -7.80 -7.52 7.14
C HIS B 324 -8.75 -8.70 7.09
N LEU B 325 -8.29 -9.88 6.60
CA LEU B 325 -9.09 -11.10 6.51
C LEU B 325 -9.41 -11.66 7.91
N VAL B 326 -8.38 -11.79 8.78
CA VAL B 326 -8.51 -12.29 10.15
C VAL B 326 -9.45 -11.41 10.98
N LYS B 327 -9.33 -10.07 10.84
CA LYS B 327 -10.18 -9.10 11.53
C LYS B 327 -11.64 -9.15 11.05
N THR B 328 -11.87 -9.37 9.74
CA THR B 328 -13.22 -9.49 9.16
C THR B 328 -13.87 -10.81 9.59
N LEU B 329 -13.09 -11.91 9.61
CA LEU B 329 -13.52 -13.24 10.06
C LEU B 329 -13.84 -13.25 11.56
N TYR B 330 -13.20 -12.34 12.32
CA TYR B 330 -13.42 -12.14 13.75
C TYR B 330 -14.74 -11.41 13.98
N MET B 331 -15.09 -10.48 13.06
CA MET B 331 -16.35 -9.71 13.08
C MET B 331 -17.50 -10.64 12.66
N LEU B 332 -17.34 -11.30 11.48
CA LEU B 332 -18.30 -12.23 10.89
C LEU B 332 -18.30 -13.62 11.58
N GLY B 333 -17.74 -13.67 12.78
CA GLY B 333 -17.66 -14.88 13.61
C GLY B 333 -18.63 -14.81 14.77
N SER B 334 -18.66 -13.67 15.46
CA SER B 334 -19.55 -13.40 16.59
C SER B 334 -20.97 -13.13 16.11
N LEU B 335 -21.11 -12.56 14.89
CA LEU B 335 -22.39 -12.23 14.27
C LEU B 335 -23.07 -13.46 13.68
N LEU B 336 -22.32 -14.30 12.93
CA LEU B 336 -22.83 -15.51 12.28
C LEU B 336 -22.78 -16.77 13.18
N HIS B 337 -22.34 -16.61 14.45
CA HIS B 337 -22.21 -17.66 15.47
C HIS B 337 -21.31 -18.84 15.02
N TRP B 338 -20.08 -18.49 14.63
CA TRP B 338 -19.03 -19.42 14.17
C TRP B 338 -18.55 -20.30 15.35
N PRO B 339 -17.97 -21.52 15.10
CA PRO B 339 -17.49 -22.34 16.22
C PRO B 339 -16.42 -21.65 17.09
N CYS B 340 -16.45 -21.92 18.41
CA CYS B 340 -15.54 -21.35 19.41
C CYS B 340 -14.05 -21.65 19.16
N ASP B 341 -13.75 -22.85 18.61
CA ASP B 341 -12.38 -23.28 18.29
C ASP B 341 -11.76 -22.44 17.16
N PHE B 342 -12.60 -21.91 16.25
CA PHE B 342 -12.16 -21.08 15.12
C PHE B 342 -11.72 -19.69 15.58
N ASP B 343 -12.39 -19.14 16.62
CA ASP B 343 -12.08 -17.83 17.21
C ASP B 343 -10.72 -17.86 17.91
N LEU B 344 -10.36 -19.02 18.51
CA LEU B 344 -9.09 -19.27 19.20
C LEU B 344 -7.94 -19.30 18.18
N PHE B 345 -8.19 -19.84 16.97
CA PHE B 345 -7.24 -19.94 15.87
C PHE B 345 -6.89 -18.54 15.32
N LEU B 346 -7.92 -17.67 15.19
CA LEU B 346 -7.78 -16.29 14.68
C LEU B 346 -7.00 -15.41 15.68
N MET B 347 -7.21 -15.62 16.98
CA MET B 347 -6.56 -14.88 18.07
C MET B 347 -5.06 -15.13 18.16
N ASN B 348 -4.62 -16.38 17.95
CA ASN B 348 -3.21 -16.77 17.99
C ASN B 348 -2.44 -16.42 16.72
N ILE B 349 -3.14 -16.35 15.57
CA ILE B 349 -2.53 -16.01 14.27
C ILE B 349 -2.46 -14.50 14.04
N PHE B 350 -3.33 -13.72 14.73
CA PHE B 350 -3.42 -12.25 14.62
C PHE B 350 -2.12 -11.49 14.96
N PRO B 351 -1.35 -11.79 16.06
CA PRO B 351 -0.12 -11.01 16.32
C PRO B 351 0.91 -11.09 15.20
N TYR B 352 0.93 -12.23 14.47
CA TYR B 352 1.82 -12.47 13.33
C TYR B 352 1.27 -11.80 12.07
N CYS B 353 -0.07 -11.67 11.96
CA CYS B 353 -0.76 -11.01 10.85
C CYS B 353 -0.49 -9.51 10.85
N THR B 354 -0.49 -8.90 12.05
CA THR B 354 -0.19 -7.46 12.25
C THR B 354 1.28 -7.18 12.05
N CYS B 355 2.15 -8.13 12.49
CA CYS B 355 3.60 -8.06 12.41
C CYS B 355 4.06 -7.86 10.96
N ILE B 356 3.73 -8.81 10.06
CA ILE B 356 4.11 -8.80 8.64
C ILE B 356 3.47 -7.60 7.91
N SER B 357 2.31 -7.12 8.38
CA SER B 357 1.59 -5.96 7.85
C SER B 357 2.37 -4.67 8.18
N TYR B 358 3.07 -4.67 9.33
CA TYR B 358 3.88 -3.54 9.80
C TYR B 358 5.27 -3.54 9.14
N VAL B 359 5.73 -4.73 8.67
CA VAL B 359 7.02 -4.93 7.97
C VAL B 359 7.00 -4.18 6.64
N ASN B 360 5.80 -4.08 6.01
CA ASN B 360 5.52 -3.39 4.75
C ASN B 360 6.08 -1.94 4.70
N SER B 361 6.22 -1.30 5.88
CA SER B 361 6.74 0.06 6.00
C SER B 361 8.23 0.17 5.61
N CYS B 362 9.05 -0.80 6.04
CA CYS B 362 10.48 -0.85 5.73
C CYS B 362 10.77 -1.68 4.46
N LEU B 363 9.71 -2.31 3.88
CA LEU B 363 9.83 -3.18 2.71
C LEU B 363 10.04 -2.44 1.40
N ASN B 364 9.39 -1.27 1.21
CA ASN B 364 9.47 -0.45 -0.01
C ASN B 364 10.90 0.03 -0.37
N PRO B 365 11.76 0.58 0.56
CA PRO B 365 13.10 1.00 0.14
C PRO B 365 13.97 -0.12 -0.45
N PHE B 366 13.74 -1.37 -0.02
CA PHE B 366 14.42 -2.55 -0.54
C PHE B 366 13.90 -2.87 -1.94
N LEU B 367 12.58 -2.64 -2.18
CA LEU B 367 11.93 -2.87 -3.47
C LEU B 367 12.41 -1.87 -4.53
N TYR B 368 12.71 -0.62 -4.10
CA TYR B 368 13.26 0.41 -5.00
C TYR B 368 14.72 0.12 -5.30
N ALA B 369 15.42 -0.55 -4.37
CA ALA B 369 16.83 -0.92 -4.52
C ALA B 369 17.02 -2.04 -5.55
N PHE B 370 16.01 -2.92 -5.71
CA PHE B 370 16.06 -4.05 -6.64
C PHE B 370 15.31 -3.83 -7.96
N PHE B 371 14.34 -2.88 -8.01
CA PHE B 371 13.54 -2.65 -9.21
C PHE B 371 13.65 -1.23 -9.79
N ASP B 372 13.75 -0.18 -8.94
CA ASP B 372 13.85 1.20 -9.41
C ASP B 372 15.30 1.54 -9.80
N PRO B 373 15.61 1.80 -11.10
CA PRO B 373 17.00 2.14 -11.47
C PRO B 373 17.39 3.57 -11.09
N ARG B 374 16.42 4.50 -11.07
CA ARG B 374 16.65 5.91 -10.73
C ARG B 374 17.02 6.08 -9.24
N PHE B 375 16.40 5.26 -8.35
CA PHE B 375 16.69 5.26 -6.92
C PHE B 375 18.10 4.70 -6.68
N ARG B 376 18.45 3.62 -7.42
CA ARG B 376 19.74 2.94 -7.39
C ARG B 376 20.89 3.90 -7.79
N GLN B 377 20.69 4.64 -8.90
CA GLN B 377 21.67 5.60 -9.43
C GLN B 377 21.85 6.83 -8.55
N ALA B 378 20.76 7.29 -7.88
CA ALA B 378 20.80 8.46 -6.98
C ALA B 378 21.49 8.14 -5.65
N CYS B 379 21.34 6.89 -5.15
CA CYS B 379 21.96 6.41 -3.91
C CYS B 379 23.46 6.26 -4.09
N THR B 380 23.90 5.75 -5.27
CA THR B 380 25.31 5.56 -5.62
C THR B 380 26.00 6.89 -5.93
N SER B 381 25.21 7.94 -6.29
CA SER B 381 25.70 9.28 -6.60
C SER B 381 26.20 10.00 -5.34
N MET B 382 25.48 9.83 -4.21
CA MET B 382 25.84 10.40 -2.91
C MET B 382 26.82 9.50 -2.14
N LEU B 383 27.15 8.33 -2.71
CA LEU B 383 28.09 7.36 -2.16
C LEU B 383 29.53 7.73 -2.50
N LEU B 384 29.79 8.07 -3.78
CA LEU B 384 31.12 8.44 -4.28
C LEU B 384 31.50 9.90 -4.00
N MET B 385 30.53 10.82 -4.02
CA MET B 385 30.75 12.26 -3.82
C MET B 385 30.57 12.72 -2.37
N GLY B 386 29.55 12.21 -1.69
CA GLY B 386 29.21 12.56 -0.32
C GLY B 386 30.24 12.17 0.73
N GLN B 387 30.68 10.89 0.69
CA GLN B 387 31.66 10.32 1.62
C GLN B 387 33.06 10.92 1.44
N SER B 388 33.46 11.19 0.17
CA SER B 388 34.78 11.72 -0.21
C SER B 388 35.05 13.12 0.37
N ARG B 389 34.31 14.16 -0.11
CA ARG B 389 34.40 15.57 0.29
C ARG B 389 35.83 16.12 0.25
#